data_1UYZ
#
_entry.id   1UYZ
#
_cell.length_a   64.010
_cell.length_b   67.394
_cell.length_c   85.240
_cell.angle_alpha   90.00
_cell.angle_beta   90.00
_cell.angle_gamma   90.00
#
_symmetry.space_group_name_H-M   'P 21 21 21'
#
loop_
_entity.id
_entity.type
_entity.pdbx_description
1 polymer 'CELLULASE B'
2 branched beta-D-xylopyranose-(1-4)-beta-D-xylopyranose-(1-4)-beta-D-xylopyranose-(1-4)-beta-D-xylopyranose
3 non-polymer 'CALCIUM ION'
4 non-polymer 'SODIUM ION'
5 non-polymer GLYCEROL
6 water water
#
_entity_poly.entity_id   1
_entity_poly.type   'polypeptide(L)'
_entity_poly.pdbx_seq_one_letter_code
;MVIATIQAEDHSQQSGTQQETTTDTGGGKNVGYIDAGDWLSYAGTPVNIPSSGSYLIEYRVASQNGGGSLTFEEAGGAPV
HGTIAIPATGGWQTWTTIQHTVNLSAGSHQFGIKANAGGWNLNWIRINKTH
;
_entity_poly.pdbx_strand_id   A,B
#
loop_
_chem_comp.id
_chem_comp.type
_chem_comp.name
_chem_comp.formula
CA non-polymer 'CALCIUM ION' 'Ca 2'
GOL non-polymer GLYCEROL 'C3 H8 O3'
NA non-polymer 'SODIUM ION' 'Na 1'
XYP D-saccharide, beta linking beta-D-xylopyranose 'C5 H10 O5'
#
# COMPACT_ATOMS: atom_id res chain seq x y z
N MET A 1 13.38 7.40 -3.90
CA MET A 1 12.81 6.22 -3.22
C MET A 1 11.29 6.35 -3.12
N VAL A 2 10.61 5.25 -3.42
CA VAL A 2 9.15 5.22 -3.44
C VAL A 2 8.61 5.10 -2.03
N ILE A 3 7.71 6.02 -1.66
CA ILE A 3 6.98 5.96 -0.40
C ILE A 3 5.73 5.09 -0.55
N ALA A 4 4.96 5.34 -1.60
CA ALA A 4 3.74 4.58 -1.85
C ALA A 4 3.35 4.63 -3.31
N THR A 5 2.84 3.51 -3.82
CA THR A 5 2.03 3.52 -5.04
C THR A 5 0.61 3.22 -4.65
N ILE A 6 -0.31 4.07 -5.11
CA ILE A 6 -1.74 3.92 -4.86
C ILE A 6 -2.44 3.77 -6.20
N GLN A 7 -3.07 2.64 -6.44
CA GLN A 7 -3.91 2.47 -7.63
C GLN A 7 -5.10 3.38 -7.48
N ALA A 8 -5.45 4.11 -8.55
CA ALA A 8 -6.49 5.13 -8.46
C ALA A 8 -7.84 4.55 -8.06
N GLU A 9 -8.09 3.33 -8.51
CA GLU A 9 -9.31 2.60 -8.25
C GLU A 9 -9.47 2.11 -6.81
N ASP A 10 -8.38 2.14 -6.04
CA ASP A 10 -8.37 1.64 -4.65
C ASP A 10 -8.71 2.74 -3.64
N HIS A 11 -9.61 3.63 -4.04
CA HIS A 11 -10.13 4.66 -3.16
C HIS A 11 -11.10 4.05 -2.14
N SER A 12 -11.12 4.63 -0.96
CA SER A 12 -12.07 4.24 0.09
C SER A 12 -13.41 4.97 -0.05
N GLN A 13 -13.40 6.14 -0.69
CA GLN A 13 -14.61 6.83 -1.08
C GLN A 13 -14.36 7.59 -2.37
N GLN A 14 -15.42 7.87 -3.11
CA GLN A 14 -15.32 8.66 -4.34
C GLN A 14 -16.61 9.39 -4.60
N SER A 15 -16.55 10.34 -5.52
CA SER A 15 -17.74 11.01 -6.01
C SER A 15 -17.61 11.29 -7.51
N GLY A 16 -18.61 10.86 -8.26
CA GLY A 16 -18.80 11.22 -9.65
C GLY A 16 -18.05 10.45 -10.71
N THR A 17 -17.29 9.43 -10.32
CA THR A 17 -16.43 8.71 -11.26
C THR A 17 -16.85 7.26 -11.41
N GLN A 18 -16.17 6.57 -12.30
CA GLN A 18 -16.48 5.18 -12.64
C GLN A 18 -15.18 4.47 -13.01
N GLN A 19 -15.04 3.24 -12.57
CA GLN A 19 -13.88 2.41 -12.92
C GLN A 19 -14.07 1.79 -14.30
N GLU A 20 -12.97 1.58 -14.99
CA GLU A 20 -12.97 0.88 -16.26
C GLU A 20 -11.66 0.12 -16.43
N THR A 21 -11.66 -0.84 -17.34
CA THR A 21 -10.46 -1.61 -17.61
C THR A 21 -9.46 -0.73 -18.35
N THR A 22 -8.18 -0.81 -17.97
CA THR A 22 -7.14 -0.08 -18.68
C THR A 22 -6.27 -1.03 -19.49
N THR A 23 -5.79 -0.53 -20.62
CA THR A 23 -4.82 -1.26 -21.43
C THR A 23 -3.40 -0.76 -21.18
N ASP A 24 -3.23 0.12 -20.20
CA ASP A 24 -1.90 0.59 -19.83
C ASP A 24 -1.05 -0.58 -19.35
N THR A 25 0.27 -0.42 -19.38
CA THR A 25 1.21 -1.39 -18.83
C THR A 25 0.78 -1.86 -17.43
N GLY A 26 0.67 -3.17 -17.27
CA GLY A 26 0.31 -3.77 -16.00
C GLY A 26 -1.17 -4.11 -15.90
N GLY A 27 -1.96 -3.63 -16.85
CA GLY A 27 -3.39 -3.86 -16.88
C GLY A 27 -4.11 -3.32 -15.65
N GLY A 28 -5.14 -4.03 -15.24
CA GLY A 28 -5.97 -3.62 -14.13
C GLY A 28 -7.02 -2.62 -14.55
N LYS A 29 -7.20 -1.58 -13.72
CA LYS A 29 -8.26 -0.62 -13.91
C LYS A 29 -7.74 0.80 -13.85
N ASN A 30 -8.48 1.72 -14.47
CA ASN A 30 -8.30 3.14 -14.23
C ASN A 30 -9.62 3.74 -13.77
N VAL A 31 -9.51 4.92 -13.16
CA VAL A 31 -10.68 5.72 -12.86
C VAL A 31 -10.94 6.59 -14.07
N GLY A 32 -12.20 6.64 -14.49
CA GLY A 32 -12.61 7.48 -15.61
C GLY A 32 -13.82 8.33 -15.26
N TYR A 33 -14.36 9.02 -16.26
CA TYR A 33 -15.52 9.89 -16.07
C TYR A 33 -15.28 10.92 -14.97
N ILE A 34 -14.13 11.57 -15.05
CA ILE A 34 -13.71 12.56 -14.08
C ILE A 34 -14.04 13.93 -14.62
N ASP A 35 -14.79 14.69 -13.83
CA ASP A 35 -15.25 16.03 -14.19
C ASP A 35 -15.06 16.97 -13.01
N ALA A 36 -15.20 18.27 -13.26
CA ALA A 36 -15.07 19.28 -12.21
C ALA A 36 -16.00 18.99 -11.04
N GLY A 37 -15.45 18.94 -9.82
CA GLY A 37 -16.20 18.64 -8.63
C GLY A 37 -15.98 17.22 -8.13
N ASP A 38 -15.66 16.31 -9.04
CA ASP A 38 -15.45 14.92 -8.69
C ASP A 38 -14.22 14.77 -7.80
N TRP A 39 -14.21 13.71 -7.01
CA TRP A 39 -13.08 13.47 -6.12
C TRP A 39 -12.89 12.00 -5.76
N LEU A 40 -11.68 11.71 -5.28
CA LEU A 40 -11.24 10.38 -4.88
C LEU A 40 -10.59 10.51 -3.51
N SER A 41 -11.04 9.71 -2.55
CA SER A 41 -10.42 9.69 -1.23
C SER A 41 -9.66 8.40 -1.02
N TYR A 42 -8.43 8.51 -0.51
CA TYR A 42 -7.63 7.37 -0.10
C TYR A 42 -7.46 7.35 1.42
N ALA A 43 -8.44 7.88 2.14
CA ALA A 43 -8.37 7.97 3.59
C ALA A 43 -8.29 6.59 4.25
N GLY A 44 -8.86 5.57 3.60
CA GLY A 44 -8.83 4.20 4.09
C GLY A 44 -7.45 3.56 4.16
N THR A 45 -6.51 4.09 3.37
CA THR A 45 -5.13 3.62 3.33
C THR A 45 -4.17 4.76 3.66
N PRO A 46 -4.01 5.10 4.93
CA PRO A 46 -3.08 6.18 5.28
C PRO A 46 -1.65 5.83 4.84
N VAL A 47 -0.91 6.84 4.41
CA VAL A 47 0.47 6.70 3.96
C VAL A 47 1.38 7.43 4.95
N ASN A 48 2.49 6.81 5.30
CA ASN A 48 3.42 7.41 6.24
C ASN A 48 4.50 8.21 5.51
N ILE A 49 4.64 9.46 5.91
CA ILE A 49 5.69 10.34 5.43
C ILE A 49 6.79 10.40 6.50
N PRO A 50 8.00 9.95 6.16
CA PRO A 50 9.05 9.77 7.18
C PRO A 50 9.63 11.05 7.77
N SER A 51 9.68 12.09 6.95
CA SER A 51 10.26 13.38 7.36
C SER A 51 9.57 14.51 6.61
N SER A 52 9.50 15.67 7.27
CA SER A 52 8.92 16.85 6.64
C SER A 52 9.82 17.35 5.52
N GLY A 53 9.21 17.75 4.41
CA GLY A 53 9.96 18.27 3.30
C GLY A 53 9.32 18.00 1.95
N SER A 54 10.16 18.03 0.93
CA SER A 54 9.71 17.95 -0.44
C SER A 54 9.49 16.51 -0.88
N TYR A 55 8.34 16.26 -1.50
CA TYR A 55 8.02 14.96 -2.08
C TYR A 55 7.58 15.16 -3.53
N LEU A 56 7.95 14.19 -4.37
CA LEU A 56 7.58 14.19 -5.78
C LEU A 56 6.37 13.29 -5.94
N ILE A 57 5.27 13.88 -6.40
CA ILE A 57 4.05 13.13 -6.66
C ILE A 57 3.89 12.91 -8.16
N GLU A 58 3.72 11.65 -8.54
CA GLU A 58 3.52 11.25 -9.93
C GLU A 58 2.10 10.76 -10.14
N TYR A 59 1.57 11.05 -11.31
CA TYR A 59 0.24 10.58 -11.70
C TYR A 59 0.31 9.95 -13.08
N ARG A 60 -0.28 8.77 -13.21
CA ARG A 60 -0.35 8.06 -14.49
C ARG A 60 -1.70 8.40 -15.12
N VAL A 61 -1.66 9.22 -16.17
CA VAL A 61 -2.85 9.85 -16.72
C VAL A 61 -3.00 9.65 -18.21
N ALA A 62 -4.24 9.76 -18.67
CA ALA A 62 -4.59 9.73 -20.08
C ALA A 62 -5.66 10.78 -20.33
N SER A 63 -5.63 11.41 -21.49
CA SER A 63 -6.57 12.48 -21.80
C SER A 63 -6.68 12.63 -23.31
N GLN A 64 -7.90 12.50 -23.83
CA GLN A 64 -8.12 12.65 -25.27
C GLN A 64 -7.80 14.08 -25.72
N ASN A 65 -8.33 15.06 -25.00
CA ASN A 65 -8.32 16.45 -25.48
C ASN A 65 -7.58 17.44 -24.57
N GLY A 66 -7.07 16.96 -23.43
CA GLY A 66 -6.42 17.85 -22.48
C GLY A 66 -7.39 18.77 -21.76
N GLY A 67 -6.84 19.76 -21.06
CA GLY A 67 -7.64 20.76 -20.37
C GLY A 67 -7.94 20.47 -18.92
N GLY A 68 -7.53 19.31 -18.43
CA GLY A 68 -7.85 18.89 -17.08
C GLY A 68 -6.87 19.41 -16.05
N SER A 69 -7.28 19.37 -14.79
CA SER A 69 -6.38 19.69 -13.67
C SER A 69 -6.89 19.02 -12.41
N LEU A 70 -5.99 18.76 -11.49
CA LEU A 70 -6.37 18.21 -10.21
C LEU A 70 -5.63 18.90 -9.06
N THR A 71 -6.18 18.67 -7.89
CA THR A 71 -5.64 19.16 -6.64
C THR A 71 -5.37 17.97 -5.76
N PHE A 72 -4.13 17.84 -5.30
CA PHE A 72 -3.68 16.81 -4.39
C PHE A 72 -3.72 17.41 -2.98
N GLU A 73 -4.35 16.71 -2.05
CA GLU A 73 -4.71 17.28 -0.76
C GLU A 73 -4.87 16.18 0.30
N GLU A 74 -5.14 16.55 1.54
CA GLU A 74 -5.63 15.57 2.51
C GLU A 74 -7.10 15.37 2.23
N ALA A 75 -7.59 14.16 2.47
CA ALA A 75 -9.00 13.85 2.28
C ALA A 75 -9.81 14.80 3.15
N GLY A 76 -10.96 15.24 2.65
CA GLY A 76 -11.72 16.28 3.30
C GLY A 76 -11.43 17.68 2.77
N GLY A 77 -10.24 17.90 2.20
CA GLY A 77 -9.95 19.13 1.48
C GLY A 77 -8.88 20.07 2.04
N ALA A 78 -8.36 19.78 3.21
CA ALA A 78 -7.34 20.63 3.82
C ALA A 78 -6.40 19.86 4.72
N PRO A 79 -5.10 20.17 4.70
CA PRO A 79 -4.48 21.12 3.77
C PRO A 79 -4.39 20.62 2.33
N VAL A 80 -4.36 21.58 1.41
CA VAL A 80 -4.05 21.31 0.02
C VAL A 80 -2.53 21.26 -0.15
N HIS A 81 -2.05 20.25 -0.88
CA HIS A 81 -0.61 20.06 -1.12
C HIS A 81 -0.15 20.65 -2.43
N GLY A 82 -0.94 20.51 -3.50
CA GLY A 82 -0.51 21.07 -4.77
C GLY A 82 -1.50 20.81 -5.88
N THR A 83 -1.29 21.48 -7.00
CA THR A 83 -2.12 21.29 -8.19
C THR A 83 -1.25 20.95 -9.38
N ILE A 84 -1.88 20.32 -10.36
CA ILE A 84 -1.16 19.95 -11.57
C ILE A 84 -2.10 19.95 -12.77
N ALA A 85 -1.59 20.42 -13.90
CA ALA A 85 -2.30 20.42 -15.17
C ALA A 85 -2.12 19.06 -15.83
N ILE A 86 -3.17 18.54 -16.44
CA ILE A 86 -3.09 17.25 -17.11
C ILE A 86 -3.12 17.49 -18.63
N PRO A 87 -2.06 17.12 -19.30
CA PRO A 87 -1.95 17.39 -20.74
C PRO A 87 -2.76 16.40 -21.56
N ALA A 88 -3.05 16.77 -22.81
CA ALA A 88 -3.54 15.82 -23.79
C ALA A 88 -2.47 14.77 -24.03
N THR A 89 -2.88 13.50 -24.11
CA THR A 89 -1.96 12.41 -24.39
C THR A 89 -2.20 11.73 -25.73
N GLY A 90 -3.26 12.11 -26.43
CA GLY A 90 -3.60 11.49 -27.70
C GLY A 90 -4.77 10.53 -27.63
N GLY A 91 -5.28 10.26 -26.43
CA GLY A 91 -6.44 9.40 -26.29
C GLY A 91 -6.68 8.90 -24.88
N TRP A 92 -7.87 8.33 -24.68
CA TRP A 92 -8.31 7.90 -23.36
C TRP A 92 -7.50 6.75 -22.75
N GLN A 93 -6.80 5.98 -23.58
CA GLN A 93 -5.94 4.89 -23.11
C GLN A 93 -4.51 5.02 -23.65
N THR A 94 -4.10 6.26 -23.88
CA THR A 94 -2.73 6.58 -24.22
C THR A 94 -2.15 7.26 -22.98
N TRP A 95 -1.23 6.57 -22.33
CA TRP A 95 -0.84 6.91 -20.97
C TRP A 95 0.51 7.60 -20.90
N THR A 96 0.62 8.53 -19.95
CA THR A 96 1.90 9.14 -19.63
C THR A 96 1.96 9.44 -18.14
N THR A 97 3.16 9.63 -17.63
CA THR A 97 3.36 9.97 -16.24
C THR A 97 3.74 11.43 -16.11
N ILE A 98 2.97 12.17 -15.31
CA ILE A 98 3.25 13.57 -15.01
C ILE A 98 3.61 13.68 -13.54
N GLN A 99 4.21 14.79 -13.16
CA GLN A 99 4.71 14.94 -11.79
C GLN A 99 4.81 16.38 -11.34
N HIS A 100 4.78 16.55 -10.03
CA HIS A 100 5.10 17.82 -9.39
C HIS A 100 5.63 17.58 -8.00
N THR A 101 6.17 18.63 -7.38
CA THR A 101 6.61 18.55 -6.00
C THR A 101 5.64 19.27 -5.08
N VAL A 102 5.56 18.76 -3.85
CA VAL A 102 4.78 19.37 -2.80
C VAL A 102 5.57 19.25 -1.49
N ASN A 103 5.24 20.09 -0.53
CA ASN A 103 5.71 19.93 0.84
C ASN A 103 4.75 19.07 1.63
N LEU A 104 5.28 18.12 2.38
CA LEU A 104 4.46 17.29 3.26
C LEU A 104 5.09 17.22 4.63
N SER A 105 4.24 17.31 5.64
CA SER A 105 4.65 17.13 7.02
C SER A 105 4.88 15.65 7.33
N ALA A 106 5.80 15.36 8.24
CA ALA A 106 6.03 14.00 8.68
C ALA A 106 4.81 13.44 9.39
N GLY A 107 4.57 12.15 9.23
CA GLY A 107 3.53 11.44 9.92
C GLY A 107 2.57 10.78 8.97
N SER A 108 1.43 10.35 9.50
CA SER A 108 0.43 9.62 8.76
C SER A 108 -0.46 10.59 8.00
N HIS A 109 -0.59 10.37 6.69
CA HIS A 109 -1.45 11.15 5.83
C HIS A 109 -2.59 10.35 5.28
N GLN A 110 -3.73 11.02 5.11
CA GLN A 110 -4.87 10.46 4.42
C GLN A 110 -5.09 11.33 3.20
N PHE A 111 -4.66 10.85 2.03
CA PHE A 111 -4.65 11.67 0.83
C PHE A 111 -5.97 11.64 0.08
N GLY A 112 -6.19 12.68 -0.71
CA GLY A 112 -7.34 12.80 -1.58
C GLY A 112 -7.01 13.60 -2.83
N ILE A 113 -7.81 13.40 -3.86
CA ILE A 113 -7.68 14.13 -5.12
C ILE A 113 -9.03 14.76 -5.46
N LYS A 114 -9.00 16.05 -5.79
CA LYS A 114 -10.16 16.77 -6.26
C LYS A 114 -9.90 17.18 -7.70
N ALA A 115 -10.85 16.89 -8.60
CA ALA A 115 -10.74 17.34 -9.99
C ALA A 115 -11.29 18.74 -10.13
N ASN A 116 -10.45 19.65 -10.60
CA ASN A 116 -10.85 21.03 -10.85
C ASN A 116 -11.41 21.22 -12.25
N ALA A 117 -10.94 20.38 -13.17
CA ALA A 117 -11.44 20.30 -14.54
C ALA A 117 -11.27 18.87 -15.02
N GLY A 118 -12.24 18.38 -15.78
CA GLY A 118 -12.27 17.00 -16.24
C GLY A 118 -11.51 16.79 -17.52
N GLY A 119 -11.81 15.66 -18.15
CA GLY A 119 -11.22 15.29 -19.42
C GLY A 119 -10.05 14.35 -19.37
N TRP A 120 -9.83 13.71 -18.23
CA TRP A 120 -8.69 12.81 -18.04
C TRP A 120 -9.07 11.56 -17.25
N ASN A 121 -8.25 10.53 -17.42
CA ASN A 121 -8.34 9.27 -16.69
C ASN A 121 -7.10 9.14 -15.79
N LEU A 122 -7.21 8.33 -14.75
CA LEU A 122 -6.12 8.18 -13.79
C LEU A 122 -5.93 6.69 -13.49
N ASN A 123 -4.72 6.19 -13.68
CA ASN A 123 -4.44 4.76 -13.43
C ASN A 123 -3.93 4.53 -12.01
N TRP A 124 -2.97 5.35 -11.60
CA TRP A 124 -2.33 5.26 -10.29
C TRP A 124 -1.59 6.56 -9.96
N ILE A 125 -1.21 6.68 -8.70
CA ILE A 125 -0.46 7.79 -8.14
C ILE A 125 0.74 7.20 -7.44
N ARG A 126 1.84 7.93 -7.41
CA ARG A 126 3.03 7.47 -6.71
C ARG A 126 3.68 8.63 -5.96
N ILE A 127 4.03 8.40 -4.70
CA ILE A 127 4.66 9.39 -3.84
C ILE A 127 6.09 8.95 -3.64
N ASN A 128 7.02 9.88 -3.90
CA ASN A 128 8.47 9.63 -3.87
C ASN A 128 9.18 10.65 -3.02
N LYS A 129 10.23 10.20 -2.33
CA LYS A 129 11.20 11.11 -1.74
C LYS A 129 11.93 11.89 -2.83
N THR A 130 12.54 13.00 -2.43
CA THR A 130 13.40 13.79 -3.29
C THR A 130 14.83 13.87 -2.75
N HIS A 131 14.96 14.02 -1.44
CA HIS A 131 16.24 14.35 -0.79
C HIS A 131 16.58 13.36 0.32
N MET B 1 6.83 -25.08 19.07
CA MET B 1 6.86 -24.14 20.22
C MET B 1 6.69 -22.69 19.75
N VAL B 2 5.57 -22.08 20.14
CA VAL B 2 5.20 -20.76 19.67
C VAL B 2 5.89 -19.67 20.47
N ILE B 3 6.63 -18.81 19.76
CA ILE B 3 7.29 -17.67 20.35
C ILE B 3 6.30 -16.50 20.48
N ALA B 4 5.58 -16.22 19.39
CA ALA B 4 4.65 -15.10 19.35
C ALA B 4 3.65 -15.31 18.23
N THR B 5 2.40 -14.92 18.47
CA THR B 5 1.40 -14.79 17.42
C THR B 5 1.10 -13.31 17.32
N ILE B 6 1.07 -12.78 16.10
CA ILE B 6 0.87 -11.34 15.90
C ILE B 6 -0.23 -11.14 14.88
N GLN B 7 -1.32 -10.51 15.30
CA GLN B 7 -2.39 -10.18 14.36
C GLN B 7 -1.91 -9.04 13.48
N ALA B 8 -2.13 -9.17 12.18
CA ALA B 8 -1.58 -8.22 11.21
C ALA B 8 -2.07 -6.81 11.48
N GLU B 9 -3.31 -6.72 11.93
CA GLU B 9 -3.98 -5.46 12.22
C GLU B 9 -3.49 -4.76 13.50
N ASP B 10 -2.64 -5.43 14.27
CA ASP B 10 -2.12 -4.87 15.53
C ASP B 10 -0.77 -4.19 15.36
N HIS B 11 -0.52 -3.65 14.18
CA HIS B 11 0.65 -2.81 13.92
C HIS B 11 0.64 -1.51 14.72
N SER B 12 1.82 -1.05 15.13
CA SER B 12 1.97 0.24 15.81
C SER B 12 2.15 1.36 14.80
N GLN B 13 2.61 1.00 13.61
CA GLN B 13 2.73 1.93 12.50
C GLN B 13 2.56 1.15 11.20
N GLN B 14 2.09 1.83 10.15
CA GLN B 14 1.99 1.20 8.83
C GLN B 14 1.97 2.29 7.76
N SER B 15 2.13 1.84 6.52
CA SER B 15 1.95 2.73 5.38
C SER B 15 1.27 2.03 4.23
N GLY B 16 0.20 2.65 3.72
CA GLY B 16 -0.44 2.25 2.49
C GLY B 16 -1.52 1.18 2.53
N THR B 17 -1.81 0.63 3.71
CA THR B 17 -2.73 -0.50 3.82
C THR B 17 -4.00 -0.13 4.55
N GLN B 18 -4.98 -1.03 4.49
CA GLN B 18 -6.30 -0.83 5.08
C GLN B 18 -6.73 -2.07 5.80
N GLN B 19 -7.35 -1.90 6.96
CA GLN B 19 -7.92 -3.02 7.71
C GLN B 19 -9.33 -3.30 7.21
N GLU B 20 -9.68 -4.58 7.21
CA GLU B 20 -11.03 -5.01 6.85
C GLU B 20 -11.41 -6.24 7.64
N THR B 21 -12.72 -6.52 7.71
CA THR B 21 -13.18 -7.73 8.36
C THR B 21 -12.76 -8.95 7.54
N THR B 22 -12.32 -9.99 8.24
CA THR B 22 -12.01 -11.27 7.60
C THR B 22 -13.03 -12.33 7.97
N THR B 23 -13.30 -13.21 7.01
CA THR B 23 -14.14 -14.38 7.23
C THR B 23 -13.30 -15.63 7.50
N ASP B 24 -11.99 -15.46 7.67
CA ASP B 24 -11.12 -16.57 8.04
C ASP B 24 -11.55 -17.14 9.38
N THR B 25 -11.12 -18.37 9.65
CA THR B 25 -11.29 -18.99 10.96
C THR B 25 -10.83 -18.06 12.09
N GLY B 26 -11.70 -17.83 13.07
CA GLY B 26 -11.40 -16.97 14.20
C GLY B 26 -11.88 -15.54 14.00
N GLY B 27 -12.28 -15.20 12.77
CA GLY B 27 -12.77 -13.88 12.45
C GLY B 27 -11.77 -12.78 12.73
N GLY B 28 -12.28 -11.62 13.12
CA GLY B 28 -11.46 -10.45 13.38
C GLY B 28 -11.20 -9.71 12.09
N LYS B 29 -9.96 -9.28 11.91
CA LYS B 29 -9.59 -8.45 10.77
C LYS B 29 -8.40 -8.99 10.01
N ASN B 30 -8.28 -8.55 8.77
CA ASN B 30 -7.03 -8.69 8.03
C ASN B 30 -6.60 -7.35 7.48
N VAL B 31 -5.33 -7.29 7.10
CA VAL B 31 -4.77 -6.15 6.40
C VAL B 31 -4.89 -6.43 4.91
N GLY B 32 -5.32 -5.42 4.17
CA GLY B 32 -5.43 -5.53 2.73
C GLY B 32 -4.97 -4.27 2.04
N TYR B 33 -5.32 -4.16 0.75
CA TYR B 33 -4.85 -3.08 -0.14
C TYR B 33 -3.34 -2.90 -0.03
N ILE B 34 -2.62 -4.01 -0.17
CA ILE B 34 -1.17 -4.03 -0.06
C ILE B 34 -0.57 -3.92 -1.45
N ASP B 35 0.30 -2.92 -1.62
CA ASP B 35 1.06 -2.70 -2.84
C ASP B 35 2.54 -2.75 -2.53
N ALA B 36 3.34 -3.02 -3.56
CA ALA B 36 4.79 -2.92 -3.44
C ALA B 36 5.19 -1.61 -2.75
N GLY B 37 5.99 -1.72 -1.70
CA GLY B 37 6.44 -0.58 -0.94
C GLY B 37 5.66 -0.30 0.34
N ASP B 38 4.46 -0.85 0.46
CA ASP B 38 3.69 -0.73 1.69
C ASP B 38 4.35 -1.53 2.79
N TRP B 39 4.07 -1.17 4.03
CA TRP B 39 4.71 -1.84 5.14
C TRP B 39 3.93 -1.79 6.43
N LEU B 40 4.31 -2.68 7.34
CA LEU B 40 3.67 -2.86 8.62
C LEU B 40 4.77 -2.96 9.68
N SER B 41 4.67 -2.15 10.72
CA SER B 41 5.60 -2.24 11.86
C SER B 41 4.91 -2.75 13.11
N TYR B 42 5.60 -3.64 13.81
CA TYR B 42 5.13 -4.18 15.10
C TYR B 42 6.09 -3.76 16.22
N ALA B 43 6.68 -2.59 16.06
CA ALA B 43 7.67 -2.09 17.02
C ALA B 43 7.07 -1.83 18.40
N GLY B 44 5.78 -1.53 18.47
CA GLY B 44 5.10 -1.30 19.74
C GLY B 44 4.93 -2.52 20.62
N THR B 45 5.09 -3.71 20.03
CA THR B 45 5.03 -4.97 20.76
C THR B 45 6.30 -5.78 20.54
N PRO B 46 7.39 -5.39 21.20
CA PRO B 46 8.65 -6.10 21.05
C PRO B 46 8.52 -7.56 21.48
N VAL B 47 9.17 -8.45 20.74
CA VAL B 47 9.12 -9.89 20.98
C VAL B 47 10.50 -10.38 21.40
N ASN B 48 10.55 -11.23 22.42
CA ASN B 48 11.77 -11.84 22.87
C ASN B 48 12.10 -13.11 22.09
N ILE B 49 13.32 -13.19 21.59
CA ILE B 49 13.86 -14.42 21.02
C ILE B 49 14.83 -15.00 22.04
N PRO B 50 14.55 -16.20 22.55
CA PRO B 50 15.31 -16.74 23.69
C PRO B 50 16.73 -17.19 23.35
N SER B 51 16.98 -17.56 22.10
CA SER B 51 18.28 -18.07 21.70
C SER B 51 18.49 -17.82 20.21
N SER B 52 19.73 -17.56 19.83
CA SER B 52 20.08 -17.32 18.44
C SER B 52 19.95 -18.63 17.68
N GLY B 53 19.35 -18.56 16.50
CA GLY B 53 19.22 -19.72 15.65
C GLY B 53 18.03 -19.64 14.72
N SER B 54 17.58 -20.80 14.28
CA SER B 54 16.55 -20.92 13.27
C SER B 54 15.15 -20.82 13.85
N TYR B 55 14.32 -19.97 13.26
CA TYR B 55 12.92 -19.83 13.63
C TYR B 55 12.06 -20.00 12.39
N LEU B 56 10.90 -20.62 12.57
CA LEU B 56 9.93 -20.81 11.51
C LEU B 56 8.90 -19.70 11.60
N ILE B 57 8.79 -18.91 10.54
CA ILE B 57 7.80 -17.84 10.49
C ILE B 57 6.63 -18.25 9.59
N GLU B 58 5.43 -18.21 10.13
CA GLU B 58 4.20 -18.50 9.37
C GLU B 58 3.43 -17.23 9.09
N TYR B 59 2.78 -17.19 7.92
CA TYR B 59 1.93 -16.07 7.52
C TYR B 59 0.61 -16.61 7.03
N ARG B 60 -0.49 -16.06 7.55
CA ARG B 60 -1.83 -16.44 7.14
C ARG B 60 -2.27 -15.46 6.08
N VAL B 61 -2.33 -15.95 4.84
CA VAL B 61 -2.42 -15.08 3.66
C VAL B 61 -3.55 -15.50 2.72
N ALA B 62 -4.01 -14.53 1.94
CA ALA B 62 -5.00 -14.72 0.88
C ALA B 62 -4.60 -13.85 -0.30
N SER B 63 -4.87 -14.31 -1.51
CA SER B 63 -4.49 -13.57 -2.70
C SER B 63 -5.33 -14.03 -3.89
N GLN B 64 -6.06 -13.11 -4.51
CA GLN B 64 -6.90 -13.47 -5.66
C GLN B 64 -6.07 -14.00 -6.83
N ASN B 65 -4.99 -13.29 -7.16
CA ASN B 65 -4.25 -13.54 -8.40
C ASN B 65 -2.80 -13.97 -8.24
N GLY B 66 -2.30 -13.98 -7.00
CA GLY B 66 -0.90 -14.30 -6.77
C GLY B 66 0.04 -13.18 -7.16
N GLY B 67 1.34 -13.48 -7.17
CA GLY B 67 2.38 -12.55 -7.59
C GLY B 67 3.01 -11.76 -6.46
N GLY B 68 2.41 -11.82 -5.27
CA GLY B 68 2.90 -11.07 -4.11
C GLY B 68 4.15 -11.65 -3.50
N SER B 69 4.86 -10.82 -2.74
CA SER B 69 5.98 -11.27 -1.92
C SER B 69 6.22 -10.27 -0.79
N LEU B 70 6.85 -10.73 0.29
CA LEU B 70 7.17 -9.83 1.39
C LEU B 70 8.56 -10.10 1.94
N THR B 71 9.06 -9.11 2.67
CA THR B 71 10.31 -9.18 3.40
C THR B 71 9.99 -9.05 4.89
N PHE B 72 10.45 -10.02 5.67
CA PHE B 72 10.33 -10.02 7.12
C PHE B 72 11.64 -9.49 7.66
N GLU B 73 11.57 -8.52 8.55
CA GLU B 73 12.74 -7.74 8.94
C GLU B 73 12.50 -7.09 10.30
N GLU B 74 13.42 -6.24 10.76
CA GLU B 74 13.15 -5.39 11.91
C GLU B 74 12.48 -4.12 11.41
N ALA B 75 11.64 -3.52 12.24
CA ALA B 75 11.01 -2.25 11.91
C ALA B 75 12.11 -1.25 11.54
N GLY B 76 11.90 -0.50 10.48
CA GLY B 76 12.94 0.39 9.98
C GLY B 76 13.78 -0.17 8.84
N GLY B 77 13.83 -1.50 8.70
CA GLY B 77 14.34 -2.11 7.48
C GLY B 77 15.63 -2.90 7.56
N ALA B 78 16.26 -2.94 8.72
CA ALA B 78 17.49 -3.72 8.89
C ALA B 78 17.69 -4.13 10.34
N PRO B 79 18.20 -5.33 10.59
CA PRO B 79 18.51 -6.36 9.57
C PRO B 79 17.27 -7.01 8.96
N VAL B 80 17.44 -7.51 7.74
CA VAL B 80 16.42 -8.28 7.07
C VAL B 80 16.59 -9.75 7.43
N HIS B 81 15.48 -10.42 7.72
CA HIS B 81 15.49 -11.82 8.16
C HIS B 81 15.22 -12.78 7.01
N GLY B 82 14.25 -12.45 6.15
CA GLY B 82 13.88 -13.37 5.10
C GLY B 82 12.86 -12.83 4.15
N THR B 83 12.68 -13.51 3.03
CA THR B 83 11.65 -13.18 2.03
C THR B 83 10.81 -14.41 1.74
N ILE B 84 9.62 -14.17 1.25
CA ILE B 84 8.69 -15.25 0.93
C ILE B 84 7.72 -14.84 -0.16
N ALA B 85 7.49 -15.77 -1.10
CA ALA B 85 6.52 -15.57 -2.15
C ALA B 85 5.14 -15.96 -1.65
N ILE B 86 4.14 -15.21 -2.06
CA ILE B 86 2.77 -15.42 -1.59
C ILE B 86 1.96 -15.95 -2.77
N PRO B 87 1.48 -17.19 -2.66
CA PRO B 87 0.80 -17.83 -3.77
C PRO B 87 -0.60 -17.29 -3.97
N ALA B 88 -1.14 -17.47 -5.17
CA ALA B 88 -2.57 -17.32 -5.39
C ALA B 88 -3.29 -18.37 -4.55
N THR B 89 -4.35 -17.93 -3.87
CA THR B 89 -5.22 -18.82 -3.10
C THR B 89 -6.62 -18.94 -3.70
N GLY B 90 -6.94 -18.15 -4.73
CA GLY B 90 -8.23 -18.25 -5.40
C GLY B 90 -9.23 -17.19 -4.98
N GLY B 91 -8.88 -16.40 -3.98
CA GLY B 91 -9.72 -15.28 -3.60
C GLY B 91 -9.17 -14.47 -2.44
N TRP B 92 -9.73 -13.28 -2.28
CA TRP B 92 -9.31 -12.34 -1.24
C TRP B 92 -9.60 -12.81 0.18
N GLN B 93 -10.56 -13.72 0.33
CA GLN B 93 -10.87 -14.30 1.65
C GLN B 93 -10.80 -15.83 1.61
N THR B 94 -9.95 -16.35 0.73
CA THR B 94 -9.59 -17.76 0.72
C THR B 94 -8.18 -17.84 1.30
N TRP B 95 -8.08 -18.42 2.49
CA TRP B 95 -6.89 -18.33 3.33
C TRP B 95 -6.05 -19.60 3.36
N THR B 96 -4.74 -19.41 3.48
CA THR B 96 -3.80 -20.50 3.65
C THR B 96 -2.62 -20.02 4.49
N THR B 97 -1.90 -20.95 5.08
CA THR B 97 -0.72 -20.64 5.88
C THR B 97 0.54 -21.01 5.12
N ILE B 98 1.41 -20.04 4.91
CA ILE B 98 2.71 -20.28 4.28
C ILE B 98 3.79 -20.07 5.33
N GLN B 99 4.98 -20.57 5.06
CA GLN B 99 6.04 -20.53 6.05
C GLN B 99 7.43 -20.54 5.41
N HIS B 100 8.38 -19.99 6.16
CA HIS B 100 9.79 -20.11 5.86
C HIS B 100 10.61 -20.04 7.13
N THR B 101 11.89 -20.36 7.02
CA THR B 101 12.82 -20.23 8.14
C THR B 101 13.74 -19.04 7.96
N VAL B 102 14.12 -18.45 9.10
CA VAL B 102 15.06 -17.37 9.14
C VAL B 102 15.96 -17.58 10.35
N ASN B 103 17.14 -16.97 10.33
CA ASN B 103 17.95 -16.83 11.53
C ASN B 103 17.51 -15.59 12.31
N LEU B 104 17.38 -15.73 13.63
CA LEU B 104 17.15 -14.59 14.51
C LEU B 104 18.12 -14.62 15.67
N SER B 105 18.67 -13.46 15.99
CA SER B 105 19.56 -13.31 17.13
C SER B 105 18.77 -13.26 18.43
N ALA B 106 19.37 -13.76 19.49
CA ALA B 106 18.73 -13.70 20.81
C ALA B 106 18.52 -12.26 21.24
N GLY B 107 17.43 -12.02 21.96
CA GLY B 107 17.14 -10.71 22.51
C GLY B 107 15.84 -10.11 22.02
N SER B 108 15.68 -8.80 22.23
CA SER B 108 14.46 -8.07 21.91
C SER B 108 14.42 -7.72 20.43
N HIS B 109 13.29 -8.06 19.80
CA HIS B 109 13.06 -7.76 18.39
C HIS B 109 11.86 -6.85 18.24
N GLN B 110 11.94 -5.95 17.28
CA GLN B 110 10.81 -5.13 16.86
C GLN B 110 10.62 -5.48 15.40
N PHE B 111 9.65 -6.33 15.11
CA PHE B 111 9.52 -6.87 13.76
C PHE B 111 8.77 -5.92 12.84
N GLY B 112 9.03 -6.07 11.56
CA GLY B 112 8.32 -5.36 10.50
C GLY B 112 8.21 -6.20 9.24
N ILE B 113 7.23 -5.87 8.42
CA ILE B 113 7.03 -6.51 7.12
C ILE B 113 6.99 -5.44 6.05
N LYS B 114 7.75 -5.63 4.98
CA LYS B 114 7.67 -4.74 3.82
C LYS B 114 7.20 -5.57 2.61
N ALA B 115 6.21 -5.06 1.89
CA ALA B 115 5.73 -5.73 0.70
C ALA B 115 6.65 -5.42 -0.48
N ASN B 116 7.16 -6.45 -1.14
CA ASN B 116 7.98 -6.28 -2.34
C ASN B 116 7.14 -6.31 -3.61
N ALA B 117 6.01 -7.00 -3.52
CA ALA B 117 4.98 -7.00 -4.56
C ALA B 117 3.63 -7.15 -3.86
N GLY B 118 2.61 -6.50 -4.39
CA GLY B 118 1.31 -6.48 -3.75
C GLY B 118 0.38 -7.59 -4.20
N GLY B 119 -0.91 -7.42 -3.92
CA GLY B 119 -1.92 -8.33 -4.41
C GLY B 119 -2.28 -9.45 -3.43
N TRP B 120 -2.01 -9.22 -2.14
CA TRP B 120 -2.30 -10.20 -1.10
C TRP B 120 -2.81 -9.53 0.18
N ASN B 121 -3.44 -10.34 1.02
CA ASN B 121 -3.97 -9.96 2.31
C ASN B 121 -3.27 -10.76 3.40
N LEU B 122 -3.22 -10.21 4.61
CA LEU B 122 -2.53 -10.82 5.74
C LEU B 122 -3.42 -10.79 6.97
N ASN B 123 -3.65 -11.96 7.56
CA ASN B 123 -4.48 -12.08 8.76
C ASN B 123 -3.64 -12.00 10.04
N TRP B 124 -2.58 -12.80 10.09
CA TRP B 124 -1.70 -12.85 11.25
C TRP B 124 -0.38 -13.48 10.83
N ILE B 125 0.60 -13.39 11.73
CA ILE B 125 1.87 -14.07 11.56
C ILE B 125 2.19 -14.81 12.85
N ARG B 126 3.02 -15.84 12.75
CA ARG B 126 3.40 -16.62 13.92
C ARG B 126 4.86 -17.00 13.84
N ILE B 127 5.57 -16.83 14.94
CA ILE B 127 6.99 -17.12 15.04
C ILE B 127 7.12 -18.34 15.92
N ASN B 128 7.85 -19.34 15.45
CA ASN B 128 7.99 -20.62 16.12
C ASN B 128 9.43 -21.05 16.26
N LYS B 129 9.75 -21.69 17.37
CA LYS B 129 11.05 -22.35 17.50
C LYS B 129 11.11 -23.53 16.53
N THR B 130 12.33 -23.96 16.18
CA THR B 130 12.55 -25.14 15.37
C THR B 130 13.28 -26.24 16.16
N HIS B 131 14.14 -25.81 17.08
CA HIS B 131 15.14 -26.66 17.78
C HIS B 131 16.26 -27.11 16.87
O1 XYP C . -9.13 5.80 7.53
C1 XYP C . -8.41 5.63 8.73
C2 XYP C . -9.42 5.49 9.84
C3 XYP C . -8.69 5.23 11.14
C4 XYP C . -7.79 4.02 10.98
C5 XYP C . -6.90 4.22 9.75
O2 XYP C . -10.22 6.66 9.93
O3 XYP C . -9.64 5.01 12.16
O4 XYP C . -6.98 3.91 12.14
O5 XYP C . -7.69 4.47 8.61
C1 XYP C . -6.73 2.53 12.47
C2 XYP C . -5.52 2.49 13.38
C3 XYP C . -5.24 1.05 13.79
C4 XYP C . -6.50 0.41 14.37
C5 XYP C . -7.64 0.59 13.37
O2 XYP C . -4.36 3.01 12.74
O3 XYP C . -4.17 1.00 14.73
O4 XYP C . -6.26 -0.98 14.54
O5 XYP C . -7.81 1.96 13.05
C1 XYP C . -6.80 -1.47 15.78
C2 XYP C . -6.92 -2.97 15.65
C3 XYP C . -7.43 -3.57 16.96
C4 XYP C . -6.69 -3.01 18.15
C5 XYP C . -6.55 -1.49 18.07
O2 XYP C . -7.79 -3.34 14.60
O3 XYP C . -7.31 -4.98 16.91
O4 XYP C . -7.44 -3.33 19.31
O5 XYP C . -6.00 -1.13 16.81
C1 XYP C . -6.62 -3.75 20.41
C2 XYP C . -7.22 -3.19 21.69
C3 XYP C . -6.42 -3.69 22.87
C4 XYP C . -6.30 -5.20 22.78
C5 XYP C . -5.70 -5.59 21.44
O2 XYP C . -7.20 -1.76 21.76
O3 XYP C . -7.03 -3.28 24.09
O4 XYP C . -5.47 -5.66 23.83
O5 XYP C . -6.54 -5.11 20.42
CA CA D . -4.93 1.22 -11.80
NA NA E . -15.22 19.39 -16.29
NA NA F . -6.14 5.65 -26.79
CA CA G . -17.90 12.39 -13.42
C1 GOL H . -11.08 14.67 -1.48
O1 GOL H . -9.85 15.07 -0.94
C2 GOL H . -12.11 15.01 -0.41
O2 GOL H . -12.51 13.80 0.22
C3 GOL H . -13.28 15.81 -0.94
O3 GOL H . -12.79 17.03 -1.44
CA CA I . -6.21 -10.82 12.05
NA NA J . -12.70 -15.49 -1.37
CA CA K . -1.74 0.09 -0.62
C1 GOL L . -9.53 -6.62 -0.78
O1 GOL L . -10.82 -6.53 -1.34
C2 GOL L . -8.57 -5.78 -1.61
O2 GOL L . -9.00 -5.62 -2.96
C3 GOL L . -7.21 -6.44 -1.60
O3 GOL L . -6.73 -6.40 -0.29
C1 GOL M . 10.75 -0.44 6.95
O1 GOL M . 10.40 -0.97 5.69
C2 GOL M . 9.47 -0.13 7.71
O2 GOL M . 9.70 0.96 8.56
C3 GOL M . 8.93 -1.33 8.52
O3 GOL M . 9.67 -2.52 8.34
#